data_7W7S
#
_entry.id   7W7S
#
_cell.length_a   80.060
_cell.length_b   80.060
_cell.length_c   95.280
_cell.angle_alpha   90.000
_cell.angle_beta   90.000
_cell.angle_gamma   90.000
#
_symmetry.space_group_name_H-M   'P 4 21 2'
#
loop_
_entity.id
_entity.type
_entity.pdbx_description
1 polymer 'Aquaporin 1'
2 water water
#
_entity_poly.entity_id   1
_entity_poly.type   'polypeptide(L)'
_entity_poly.pdbx_seq_one_letter_code
;MAREFKSKNFWKAVLAELVGMTLFIFLSLSAAIGNKNSTNPDQEVKVSLAFGLAIATLAQSLGHISGAHLNPAVTLGMLA
SCQISVLKAVMYIVAQMLGSALASGIVYGTRPNGNANLGLNALSGVTPSQGVGIELLATFQLVLCVIAVTDKRRRDVTGS
APLAIGLSVCLGHLAAISYTGCGINPARSFGPALILNNFENHWVYWVGPMCGGVAAALIYDFLLAPKFDDFPERIKVLVS
GPVG
;
_entity_poly.pdbx_strand_id   A
#
# COMPACT_ATOMS: atom_id res chain seq x y z
N ALA A 2 -8.95 19.42 21.47
CA ALA A 2 -9.07 19.95 20.10
C ALA A 2 -9.49 18.84 19.14
N ARG A 3 -10.73 18.94 18.62
CA ARG A 3 -11.32 17.88 17.81
C ARG A 3 -10.49 17.59 16.55
N GLU A 4 -10.44 16.31 16.17
CA GLU A 4 -9.56 15.87 15.10
C GLU A 4 -9.85 16.62 13.79
N PHE A 5 -11.13 16.71 13.43
CA PHE A 5 -11.52 17.43 12.21
C PHE A 5 -11.06 18.88 12.22
N LYS A 6 -10.90 19.49 13.39
CA LYS A 6 -10.48 20.88 13.45
C LYS A 6 -9.01 21.04 13.79
N SER A 7 -8.22 19.96 13.74
CA SER A 7 -6.87 19.99 14.26
C SER A 7 -5.85 20.19 13.15
N LYS A 8 -4.87 21.08 13.40
CA LYS A 8 -3.85 21.34 12.38
C LYS A 8 -2.97 20.12 12.13
N ASN A 9 -2.64 19.37 13.19
CA ASN A 9 -1.79 18.21 13.01
C ASN A 9 -2.49 17.14 12.18
N PHE A 10 -3.80 16.98 12.36
CA PHE A 10 -4.56 16.02 11.56
C PHE A 10 -4.48 16.35 10.08
N TRP A 11 -4.75 17.60 9.71
CA TRP A 11 -4.74 17.94 8.29
C TRP A 11 -3.30 17.98 7.74
N LYS A 12 -2.29 18.28 8.57
CA LYS A 12 -0.93 18.07 8.07
C LYS A 12 -0.70 16.58 7.76
N ALA A 13 -1.19 15.69 8.63
CA ALA A 13 -1.04 14.24 8.39
C ALA A 13 -1.76 13.81 7.11
N VAL A 14 -2.97 14.32 6.90
CA VAL A 14 -3.69 14.00 5.66
C VAL A 14 -2.91 14.53 4.45
N LEU A 15 -2.32 15.72 4.58
CA LEU A 15 -1.51 16.29 3.50
C LEU A 15 -0.27 15.44 3.23
N ALA A 16 0.39 14.96 4.30
CA ALA A 16 1.54 14.07 4.12
C ALA A 16 1.14 12.84 3.33
N GLU A 17 -0.05 12.31 3.60
CA GLU A 17 -0.49 11.11 2.87
C GLU A 17 -0.70 11.41 1.39
N LEU A 18 -1.35 12.55 1.08
CA LEU A 18 -1.50 12.98 -0.30
C LEU A 18 -0.14 13.14 -0.97
N VAL A 19 0.76 13.92 -0.34
CA VAL A 19 2.08 14.15 -0.90
C VAL A 19 2.83 12.85 -1.05
N GLY A 20 2.84 12.04 0.01
CA GLY A 20 3.63 10.82 -0.04
C GLY A 20 3.10 9.85 -1.07
N MET A 21 1.76 9.77 -1.20
CA MET A 21 1.17 8.86 -2.19
C MET A 21 1.46 9.33 -3.60
N THR A 22 1.34 10.64 -3.85
CA THR A 22 1.66 11.17 -5.18
C THR A 22 3.11 10.81 -5.58
N LEU A 23 4.08 11.03 -4.68
CA LEU A 23 5.47 10.67 -4.99
C LEU A 23 5.65 9.16 -5.12
N PHE A 24 4.99 8.37 -4.25
CA PHE A 24 5.14 6.92 -4.28
C PHE A 24 4.73 6.38 -5.64
N ILE A 25 3.58 6.84 -6.14
CA ILE A 25 3.05 6.33 -7.40
C ILE A 25 3.79 6.93 -8.59
N PHE A 26 4.13 8.22 -8.52
CA PHE A 26 4.89 8.79 -9.63
C PHE A 26 6.20 8.03 -9.85
N LEU A 27 6.94 7.79 -8.76
CA LEU A 27 8.28 7.19 -8.87
C LEU A 27 8.18 5.73 -9.26
N SER A 28 7.22 5.01 -8.66
CA SER A 28 7.10 3.56 -8.90
C SER A 28 6.56 3.31 -10.28
N LEU A 29 5.52 4.04 -10.69
CA LEU A 29 5.00 3.86 -12.04
C LEU A 29 6.05 4.24 -13.07
N SER A 30 6.81 5.31 -12.80
CA SER A 30 7.89 5.67 -13.74
C SER A 30 8.87 4.52 -13.93
N ALA A 31 9.27 3.87 -12.85
CA ALA A 31 10.11 2.67 -12.98
C ALA A 31 9.41 1.54 -13.72
N ALA A 32 8.10 1.34 -13.45
CA ALA A 32 7.38 0.18 -13.99
C ALA A 32 7.10 0.35 -15.48
N ILE A 33 6.89 1.57 -15.92
CA ILE A 33 6.67 1.83 -17.34
C ILE A 33 7.99 1.99 -18.07
N GLY A 34 8.97 2.60 -17.40
CA GLY A 34 10.36 2.73 -17.83
C GLY A 34 10.69 2.52 -19.28
N ASN A 35 11.81 1.83 -19.51
CA ASN A 35 12.32 1.46 -20.83
C ASN A 35 13.45 0.45 -20.66
N THR A 39 10.08 -8.83 -21.85
CA THR A 39 9.96 -7.45 -21.40
C THR A 39 9.58 -7.38 -19.94
N ASN A 40 8.60 -8.18 -19.53
CA ASN A 40 8.04 -7.98 -18.19
C ASN A 40 8.56 -8.96 -17.15
N PRO A 41 8.96 -10.20 -17.51
CA PRO A 41 9.84 -10.95 -16.59
C PRO A 41 11.22 -10.30 -16.36
N ASP A 42 11.76 -9.57 -17.35
CA ASP A 42 13.02 -8.83 -17.16
C ASP A 42 12.89 -7.70 -16.14
N GLN A 43 11.72 -7.08 -16.05
CA GLN A 43 11.48 -5.92 -15.20
C GLN A 43 11.15 -6.28 -13.75
N GLU A 44 10.89 -7.55 -13.44
CA GLU A 44 10.22 -7.89 -12.18
C GLU A 44 11.00 -7.41 -10.97
N VAL A 45 12.32 -7.68 -10.93
CA VAL A 45 13.11 -7.25 -9.79
C VAL A 45 13.23 -5.73 -9.76
N LYS A 46 13.42 -5.09 -10.92
CA LYS A 46 13.52 -3.63 -10.93
C LYS A 46 12.25 -3.00 -10.36
N VAL A 47 11.10 -3.43 -10.85
CA VAL A 47 9.83 -2.90 -10.38
C VAL A 47 9.63 -3.23 -8.90
N SER A 48 9.89 -4.48 -8.52
CA SER A 48 9.75 -4.85 -7.11
C SER A 48 10.56 -3.94 -6.22
N LEU A 49 11.80 -3.69 -6.62
CA LEU A 49 12.68 -2.81 -5.85
C LEU A 49 12.19 -1.38 -5.84
N ALA A 50 11.73 -0.87 -7.00
CA ALA A 50 11.25 0.51 -7.04
C ALA A 50 10.07 0.73 -6.07
N PHE A 51 9.07 -0.17 -6.09
CA PHE A 51 7.94 0.02 -5.17
C PHE A 51 8.39 -0.08 -3.73
N GLY A 52 9.27 -1.06 -3.43
CA GLY A 52 9.68 -1.26 -2.04
C GLY A 52 10.56 -0.12 -1.53
N LEU A 53 11.52 0.34 -2.35
CA LEU A 53 12.36 1.48 -1.93
C LEU A 53 11.55 2.77 -1.88
N ALA A 54 10.53 2.90 -2.74
CA ALA A 54 9.67 4.08 -2.65
C ALA A 54 8.96 4.13 -1.29
N ILE A 55 8.37 3.00 -0.87
CA ILE A 55 7.73 2.97 0.45
C ILE A 55 8.76 3.15 1.57
N ALA A 56 9.93 2.48 1.46
CA ALA A 56 10.96 2.64 2.50
C ALA A 56 11.34 4.11 2.65
N THR A 57 11.52 4.81 1.52
CA THR A 57 12.00 6.18 1.58
C THR A 57 10.91 7.13 2.07
N LEU A 58 9.68 6.96 1.57
CA LEU A 58 8.63 7.89 1.98
C LEU A 58 8.17 7.62 3.41
N ALA A 59 8.20 6.36 3.85
CA ALA A 59 7.87 6.12 5.25
C ALA A 59 8.95 6.69 6.17
N GLN A 60 10.22 6.64 5.77
CA GLN A 60 11.29 7.26 6.55
C GLN A 60 11.13 8.77 6.60
N SER A 61 10.56 9.35 5.54
CA SER A 61 10.47 10.81 5.37
C SER A 61 9.23 11.41 6.01
N LEU A 62 8.13 10.63 6.07
CA LEU A 62 6.83 11.14 6.47
C LEU A 62 6.22 10.37 7.64
N GLY A 63 6.83 9.25 8.04
CA GLY A 63 6.17 8.38 8.98
C GLY A 63 5.91 9.05 10.30
N HIS A 64 6.79 9.96 10.69
CA HIS A 64 6.58 10.68 11.95
C HIS A 64 5.51 11.75 11.82
N ILE A 65 5.02 12.04 10.62
CA ILE A 65 4.00 13.07 10.42
C ILE A 65 2.61 12.46 10.31
N SER A 66 2.47 11.39 9.53
CA SER A 66 1.16 10.80 9.32
C SER A 66 1.13 9.32 9.65
N GLY A 67 2.28 8.68 9.90
CA GLY A 67 2.38 7.25 9.87
C GLY A 67 2.79 6.69 8.50
N ALA A 68 2.68 7.50 7.45
CA ALA A 68 3.04 7.10 6.08
C ALA A 68 2.40 5.75 5.73
N HIS A 69 1.06 5.69 5.83
CA HIS A 69 0.39 4.46 5.46
C HIS A 69 0.51 4.24 3.95
N LEU A 70 0.12 5.26 3.17
CA LEU A 70 0.26 5.26 1.71
C LEU A 70 -0.40 4.06 1.06
N ASN A 71 -1.49 3.58 1.68
CA ASN A 71 -2.04 2.26 1.37
C ASN A 71 -3.33 2.04 2.15
N PRO A 72 -4.48 1.97 1.45
CA PRO A 72 -5.78 1.81 2.14
C PRO A 72 -5.84 0.55 2.98
N ALA A 73 -5.08 -0.48 2.60
CA ALA A 73 -5.08 -1.75 3.33
C ALA A 73 -4.32 -1.62 4.64
N VAL A 74 -3.24 -0.84 4.63
CA VAL A 74 -2.55 -0.50 5.87
C VAL A 74 -3.45 0.35 6.76
N THR A 75 -4.06 1.37 6.17
CA THR A 75 -4.98 2.23 6.92
C THR A 75 -6.13 1.40 7.53
N LEU A 76 -6.73 0.50 6.73
CA LEU A 76 -7.83 -0.31 7.28
C LEU A 76 -7.32 -1.26 8.36
N GLY A 77 -6.13 -1.82 8.20
CA GLY A 77 -5.54 -2.60 9.27
C GLY A 77 -5.33 -1.80 10.55
N MET A 78 -4.91 -0.54 10.43
CA MET A 78 -4.71 0.30 11.61
C MET A 78 -6.03 0.61 12.27
N LEU A 79 -7.07 0.83 11.46
CA LEU A 79 -8.40 1.03 12.01
C LEU A 79 -8.91 -0.23 12.73
N ALA A 80 -8.73 -1.40 12.10
CA ALA A 80 -9.12 -2.65 12.77
C ALA A 80 -8.29 -2.87 14.02
N SER A 81 -7.08 -2.32 14.07
CA SER A 81 -6.22 -2.43 15.22
C SER A 81 -6.51 -1.32 16.23
N CYS A 82 -7.52 -0.49 15.98
CA CYS A 82 -7.97 0.58 16.87
C CYS A 82 -6.86 1.60 17.12
N GLN A 83 -6.05 1.85 16.10
CA GLN A 83 -4.99 2.82 16.27
C GLN A 83 -5.27 4.16 15.57
N ILE A 84 -6.36 4.25 14.80
CA ILE A 84 -6.72 5.49 14.13
C ILE A 84 -8.23 5.61 14.17
N SER A 85 -8.72 6.84 14.07
CA SER A 85 -10.17 7.05 14.09
C SER A 85 -10.78 6.65 12.74
N VAL A 86 -12.11 6.51 12.72
CA VAL A 86 -12.78 6.32 11.43
C VAL A 86 -12.55 7.53 10.51
N LEU A 87 -12.62 8.75 11.07
CA LEU A 87 -12.40 9.97 10.27
C LEU A 87 -11.02 9.96 9.60
N LYS A 88 -9.98 9.62 10.36
CA LYS A 88 -8.62 9.51 9.82
C LYS A 88 -8.54 8.47 8.72
N ALA A 89 -9.17 7.30 8.92
CA ALA A 89 -9.11 6.26 7.90
C ALA A 89 -9.75 6.73 6.60
N VAL A 90 -10.90 7.38 6.70
CA VAL A 90 -11.60 7.89 5.52
C VAL A 90 -10.73 8.91 4.79
N MET A 91 -10.25 9.91 5.52
CA MET A 91 -9.47 10.99 4.89
C MET A 91 -8.16 10.48 4.32
N TYR A 92 -7.50 9.51 5.02
CA TYR A 92 -6.27 8.92 4.50
C TYR A 92 -6.52 8.20 3.18
N ILE A 93 -7.61 7.42 3.14
CA ILE A 93 -7.91 6.66 1.92
C ILE A 93 -8.30 7.61 0.78
N VAL A 94 -9.06 8.67 1.09
CA VAL A 94 -9.35 9.66 0.05
C VAL A 94 -8.06 10.28 -0.45
N ALA A 95 -7.16 10.64 0.47
CA ALA A 95 -5.90 11.27 0.07
C ALA A 95 -5.03 10.30 -0.74
N GLN A 96 -5.03 9.02 -0.34
CA GLN A 96 -4.28 8.01 -1.08
C GLN A 96 -4.84 7.81 -2.49
N MET A 97 -6.16 7.68 -2.63
CA MET A 97 -6.75 7.53 -3.95
C MET A 97 -6.50 8.77 -4.82
N LEU A 98 -6.61 9.96 -4.24
CA LEU A 98 -6.40 11.18 -5.02
C LEU A 98 -4.94 11.26 -5.47
N GLY A 99 -4.01 10.99 -4.55
CA GLY A 99 -2.59 11.11 -4.89
C GLY A 99 -2.20 10.13 -5.99
N SER A 100 -2.71 8.89 -5.91
CA SER A 100 -2.45 7.87 -6.91
C SER A 100 -3.04 8.27 -8.26
N ALA A 101 -4.29 8.77 -8.28
CA ALA A 101 -4.88 9.21 -9.54
C ALA A 101 -4.10 10.39 -10.12
N LEU A 102 -3.67 11.32 -9.26
CA LEU A 102 -2.88 12.45 -9.75
C LEU A 102 -1.56 11.98 -10.39
N ALA A 103 -0.80 11.17 -9.65
CA ALA A 103 0.47 10.63 -10.15
C ALA A 103 0.27 9.85 -11.45
N SER A 104 -0.74 8.96 -11.48
CA SER A 104 -1.02 8.18 -12.68
C SER A 104 -1.29 9.08 -13.88
N GLY A 105 -2.03 10.15 -13.68
CA GLY A 105 -2.31 11.04 -14.78
C GLY A 105 -1.05 11.69 -15.31
N ILE A 106 -0.12 12.02 -14.41
CA ILE A 106 1.16 12.64 -14.79
C ILE A 106 2.02 11.66 -15.58
N VAL A 107 2.14 10.44 -15.07
CA VAL A 107 3.02 9.45 -15.67
C VAL A 107 2.48 8.99 -17.02
N TYR A 108 1.19 8.67 -17.07
CA TYR A 108 0.59 8.13 -18.27
C TYR A 108 0.33 9.22 -19.31
N GLY A 109 -0.14 10.39 -18.86
CA GLY A 109 -0.64 11.42 -19.75
C GLY A 109 -2.16 11.57 -19.71
N ASN A 115 -3.38 -1.45 -20.17
CA ASN A 115 -2.72 -2.61 -20.78
C ASN A 115 -1.20 -2.48 -20.65
N ALA A 116 -0.51 -3.14 -21.59
CA ALA A 116 0.88 -2.86 -21.96
C ALA A 116 1.94 -3.29 -20.96
N ASN A 117 1.82 -2.90 -19.69
CA ASN A 117 2.97 -2.98 -18.80
C ASN A 117 2.49 -3.20 -17.36
N LEU A 118 3.44 -3.13 -16.43
CA LEU A 118 3.18 -3.37 -15.03
C LEU A 118 2.58 -2.14 -14.30
N GLY A 119 2.41 -0.99 -14.98
CA GLY A 119 1.64 0.10 -14.40
C GLY A 119 0.25 -0.33 -13.93
N LEU A 120 -0.50 -1.01 -14.80
CA LEU A 120 -1.86 -1.45 -14.49
C LEU A 120 -1.84 -2.89 -13.99
N ASN A 121 -2.26 -3.09 -12.74
CA ASN A 121 -2.39 -4.43 -12.16
C ASN A 121 -3.34 -5.26 -13.01
N ALA A 122 -2.92 -6.49 -13.33
CA ALA A 122 -3.80 -7.34 -14.14
C ALA A 122 -3.48 -8.77 -13.77
N LEU A 123 -4.47 -9.63 -13.85
CA LEU A 123 -4.23 -11.06 -13.64
C LEU A 123 -3.45 -11.64 -14.82
N SER A 124 -2.51 -12.53 -14.50
CA SER A 124 -1.70 -13.18 -15.52
C SER A 124 -1.64 -14.67 -15.20
N GLY A 125 -2.47 -15.46 -15.88
CA GLY A 125 -2.46 -16.91 -15.73
C GLY A 125 -3.06 -17.42 -14.44
N VAL A 126 -3.85 -16.60 -13.73
CA VAL A 126 -4.58 -17.03 -12.56
C VAL A 126 -6.02 -16.56 -12.75
N THR A 127 -6.96 -17.23 -12.09
CA THR A 127 -8.34 -16.81 -12.10
C THR A 127 -8.52 -15.66 -11.11
N PRO A 128 -9.65 -14.93 -11.21
CA PRO A 128 -9.94 -13.89 -10.21
C PRO A 128 -9.91 -14.38 -8.75
N SER A 129 -10.49 -15.56 -8.46
CA SER A 129 -10.45 -16.02 -7.08
C SER A 129 -9.02 -16.42 -6.65
N GLN A 130 -8.22 -17.03 -7.56
CA GLN A 130 -6.80 -17.21 -7.21
C GLN A 130 -6.13 -15.85 -6.98
N GLY A 131 -6.42 -14.87 -7.83
CA GLY A 131 -5.80 -13.55 -7.65
C GLY A 131 -6.16 -12.90 -6.33
N VAL A 132 -7.43 -13.05 -5.91
CA VAL A 132 -7.85 -12.54 -4.61
C VAL A 132 -7.03 -13.17 -3.48
N GLY A 133 -6.82 -14.49 -3.52
CA GLY A 133 -6.05 -15.14 -2.47
C GLY A 133 -4.58 -14.73 -2.46
N ILE A 134 -4.00 -14.57 -3.65
CA ILE A 134 -2.62 -14.12 -3.75
C ILE A 134 -2.48 -12.69 -3.23
N GLU A 135 -3.41 -11.83 -3.60
CA GLU A 135 -3.36 -10.45 -3.12
C GLU A 135 -3.57 -10.38 -1.63
N LEU A 136 -4.44 -11.25 -1.10
CA LEU A 136 -4.71 -11.28 0.33
C LEU A 136 -3.45 -11.68 1.12
N LEU A 137 -2.80 -12.77 0.72
CA LEU A 137 -1.61 -13.23 1.44
C LEU A 137 -0.46 -12.26 1.29
N ALA A 138 -0.32 -11.69 0.08
CA ALA A 138 0.78 -10.75 -0.12
C ALA A 138 0.53 -9.43 0.59
N THR A 139 -0.74 -9.03 0.80
CA THR A 139 -1.02 -7.87 1.63
C THR A 139 -0.97 -8.21 3.12
N PHE A 140 -1.48 -9.39 3.49
CA PHE A 140 -1.43 -9.83 4.87
C PHE A 140 -0.02 -9.68 5.45
N GLN A 141 1.00 -10.18 4.70
CA GLN A 141 2.35 -10.13 5.25
C GLN A 141 2.85 -8.69 5.38
N LEU A 142 2.46 -7.82 4.45
CA LEU A 142 2.80 -6.41 4.55
C LEU A 142 2.17 -5.74 5.78
N VAL A 143 0.85 -5.89 5.95
CA VAL A 143 0.20 -5.19 7.07
C VAL A 143 0.62 -5.85 8.39
N LEU A 144 0.85 -7.17 8.40
CA LEU A 144 1.40 -7.77 9.62
C LEU A 144 2.74 -7.10 10.00
N CYS A 145 3.59 -6.88 9.01
CA CYS A 145 4.88 -6.25 9.27
C CYS A 145 4.72 -4.83 9.79
N VAL A 146 3.87 -4.01 9.11
CA VAL A 146 3.62 -2.64 9.57
C VAL A 146 3.16 -2.63 11.01
N ILE A 147 2.13 -3.42 11.31
CA ILE A 147 1.56 -3.42 12.65
C ILE A 147 2.59 -3.90 13.66
N ALA A 148 3.29 -4.98 13.32
CA ALA A 148 4.25 -5.52 14.27
C ALA A 148 5.42 -4.57 14.51
N VAL A 149 5.96 -4.00 13.42
CA VAL A 149 7.18 -3.21 13.58
C VAL A 149 6.85 -1.85 14.22
N THR A 150 5.60 -1.40 14.16
CA THR A 150 5.21 -0.15 14.82
C THR A 150 4.59 -0.36 16.21
N ASP A 151 4.41 -1.59 16.63
CA ASP A 151 3.84 -1.92 17.93
C ASP A 151 4.60 -1.18 19.04
N LYS A 152 3.92 -0.23 19.70
CA LYS A 152 4.57 0.59 20.70
C LYS A 152 4.98 -0.18 21.95
N ARG A 153 4.47 -1.39 22.15
CA ARG A 153 4.90 -2.14 23.32
C ARG A 153 6.34 -2.65 23.16
N ARG A 154 6.82 -2.81 21.92
CA ARG A 154 8.11 -3.46 21.72
C ARG A 154 9.25 -2.50 22.07
N ARG A 155 10.37 -3.08 22.49
CA ARG A 155 11.60 -2.33 22.72
C ARG A 155 12.75 -2.89 21.88
N ASP A 156 12.47 -3.85 21.01
CA ASP A 156 13.47 -4.63 20.30
C ASP A 156 13.57 -4.25 18.84
N VAL A 157 12.86 -3.23 18.39
CA VAL A 157 12.93 -2.83 16.96
C VAL A 157 14.08 -1.84 16.86
N THR A 158 15.32 -2.37 16.75
CA THR A 158 16.51 -1.52 16.80
C THR A 158 16.90 -0.99 15.42
N GLY A 159 16.51 -1.65 14.35
CA GLY A 159 16.82 -1.16 13.01
C GLY A 159 15.80 -0.17 12.49
N SER A 160 15.75 -0.05 11.16
CA SER A 160 14.84 0.87 10.51
C SER A 160 13.45 0.23 10.29
N ALA A 161 12.44 0.73 10.99
CA ALA A 161 11.07 0.30 10.70
C ALA A 161 10.64 0.68 9.28
N PRO A 162 10.90 1.89 8.78
CA PRO A 162 10.54 2.19 7.37
C PRO A 162 11.20 1.23 6.38
N LEU A 163 12.46 0.86 6.62
CA LEU A 163 13.11 -0.05 5.67
C LEU A 163 12.45 -1.44 5.74
N ALA A 164 12.17 -1.93 6.96
CA ALA A 164 11.45 -3.22 7.08
C ALA A 164 10.15 -3.23 6.28
N ILE A 165 9.37 -2.14 6.38
CA ILE A 165 8.09 -2.07 5.65
C ILE A 165 8.34 -2.02 4.14
N GLY A 166 9.31 -1.19 3.71
CA GLY A 166 9.65 -1.14 2.29
C GLY A 166 10.09 -2.49 1.75
N LEU A 167 10.93 -3.22 2.50
CA LEU A 167 11.38 -4.53 2.04
C LEU A 167 10.24 -5.55 2.01
N SER A 168 9.27 -5.39 2.91
CA SER A 168 8.03 -6.19 2.85
C SER A 168 7.20 -5.87 1.61
N VAL A 169 7.15 -4.59 1.21
CA VAL A 169 6.55 -4.23 -0.06
C VAL A 169 7.28 -4.89 -1.20
N CYS A 170 8.64 -4.83 -1.18
CA CYS A 170 9.43 -5.50 -2.22
C CYS A 170 9.12 -7.00 -2.28
N LEU A 171 9.17 -7.67 -1.12
CA LEU A 171 8.81 -9.09 -1.01
C LEU A 171 7.42 -9.39 -1.63
N GLY A 172 6.42 -8.58 -1.30
CA GLY A 172 5.09 -8.83 -1.84
C GLY A 172 5.09 -8.81 -3.36
N HIS A 173 5.86 -7.88 -3.94
CA HIS A 173 6.03 -7.84 -5.39
C HIS A 173 6.72 -9.10 -5.92
N LEU A 174 7.86 -9.47 -5.33
CA LEU A 174 8.55 -10.68 -5.79
C LEU A 174 7.60 -11.87 -5.78
N ALA A 175 6.72 -11.94 -4.78
CA ALA A 175 5.80 -13.09 -4.72
C ALA A 175 4.67 -12.98 -5.75
N ALA A 176 4.07 -11.78 -5.88
CA ALA A 176 2.77 -11.69 -6.57
C ALA A 176 2.88 -11.13 -7.98
N ILE A 177 4.02 -10.52 -8.34
CA ILE A 177 4.01 -9.69 -9.55
C ILE A 177 3.74 -10.53 -10.80
N SER A 178 4.24 -11.76 -10.85
CA SER A 178 4.01 -12.50 -12.09
C SER A 178 2.60 -13.13 -12.17
N TYR A 179 1.80 -13.01 -11.12
CA TYR A 179 0.43 -13.52 -11.11
C TYR A 179 -0.63 -12.44 -11.18
N THR A 180 -0.46 -11.37 -10.44
CA THR A 180 -1.50 -10.34 -10.37
C THR A 180 -0.93 -8.96 -10.71
N GLY A 181 0.35 -8.86 -10.99
CA GLY A 181 1.03 -7.57 -11.12
C GLY A 181 1.37 -6.96 -9.78
N CYS A 182 0.90 -7.55 -8.68
CA CYS A 182 1.09 -7.10 -7.30
C CYS A 182 0.44 -5.72 -7.06
N GLY A 183 -0.77 -5.71 -6.53
CA GLY A 183 -1.39 -4.47 -6.10
C GLY A 183 -1.00 -4.18 -4.66
N ILE A 184 -1.43 -5.10 -3.78
CA ILE A 184 -1.35 -5.08 -2.31
C ILE A 184 -1.60 -3.70 -1.75
N ASN A 185 -2.46 -2.93 -2.43
CA ASN A 185 -2.57 -1.52 -2.13
C ASN A 185 -3.69 -0.96 -3.02
N PRO A 186 -4.94 -0.92 -2.54
CA PRO A 186 -6.05 -0.58 -3.45
C PRO A 186 -5.91 0.76 -4.14
N ALA A 187 -5.31 1.78 -3.48
CA ALA A 187 -5.18 3.09 -4.13
C ALA A 187 -4.12 3.01 -5.24
N ARG A 188 -3.07 2.20 -5.02
CA ARG A 188 -2.07 1.99 -6.09
C ARG A 188 -2.72 1.34 -7.32
N SER A 189 -3.65 0.39 -7.11
CA SER A 189 -4.35 -0.23 -8.24
C SER A 189 -5.30 0.76 -8.90
N PHE A 190 -5.98 1.55 -8.07
CA PHE A 190 -7.06 2.44 -8.51
C PHE A 190 -6.56 3.51 -9.46
N GLY A 191 -5.42 4.16 -9.16
CA GLY A 191 -4.96 5.22 -10.03
C GLY A 191 -4.85 4.88 -11.52
N PRO A 192 -4.04 3.87 -11.85
CA PRO A 192 -3.91 3.50 -13.28
C PRO A 192 -5.21 2.97 -13.87
N ALA A 193 -6.00 2.23 -13.08
CA ALA A 193 -7.32 1.80 -13.55
C ALA A 193 -8.17 3.00 -13.95
N LEU A 194 -8.22 4.02 -13.10
CA LEU A 194 -9.05 5.18 -13.42
C LEU A 194 -8.48 5.91 -14.64
N ILE A 195 -7.17 6.13 -14.66
CA ILE A 195 -6.57 6.90 -15.75
C ILE A 195 -6.70 6.15 -17.07
N LEU A 196 -6.47 4.83 -17.06
CA LEU A 196 -6.60 4.01 -18.27
C LEU A 196 -8.05 3.62 -18.56
N ASN A 197 -8.99 3.99 -17.69
CA ASN A 197 -10.38 3.56 -17.80
C ASN A 197 -10.50 2.07 -18.08
N ASN A 198 -9.80 1.28 -17.26
CA ASN A 198 -9.80 -0.17 -17.37
C ASN A 198 -9.98 -0.73 -15.96
N PHE A 199 -11.20 -1.13 -15.62
CA PHE A 199 -11.47 -1.64 -14.27
C PHE A 199 -11.64 -3.15 -14.27
N GLU A 200 -11.13 -3.81 -15.30
CA GLU A 200 -11.22 -5.26 -15.41
C GLU A 200 -10.57 -5.91 -14.19
N ASN A 201 -11.31 -6.81 -13.52
CA ASN A 201 -10.82 -7.50 -12.31
C ASN A 201 -10.45 -6.54 -11.18
N HIS A 202 -10.91 -5.29 -11.22
CA HIS A 202 -10.44 -4.31 -10.23
C HIS A 202 -10.84 -4.70 -8.82
N TRP A 203 -12.05 -5.28 -8.66
CA TRP A 203 -12.48 -5.69 -7.33
C TRP A 203 -11.48 -6.64 -6.66
N VAL A 204 -10.69 -7.40 -7.45
CA VAL A 204 -9.70 -8.31 -6.86
C VAL A 204 -8.74 -7.50 -5.98
N TYR A 205 -8.38 -6.33 -6.46
CA TYR A 205 -7.33 -5.50 -5.87
C TYR A 205 -7.84 -4.64 -4.73
N TRP A 206 -9.14 -4.69 -4.48
CA TRP A 206 -9.76 -4.18 -3.26
C TRP A 206 -10.05 -5.28 -2.26
N VAL A 207 -10.74 -6.34 -2.70
CA VAL A 207 -11.19 -7.39 -1.77
C VAL A 207 -9.99 -8.09 -1.13
N GLY A 208 -9.03 -8.51 -1.95
CA GLY A 208 -7.86 -9.22 -1.44
C GLY A 208 -7.09 -8.41 -0.41
N PRO A 209 -6.62 -7.22 -0.81
CA PRO A 209 -5.76 -6.48 0.14
C PRO A 209 -6.50 -6.02 1.38
N MET A 210 -7.74 -5.55 1.24
CA MET A 210 -8.46 -5.10 2.44
C MET A 210 -8.72 -6.26 3.40
N CYS A 211 -9.13 -7.44 2.88
CA CYS A 211 -9.29 -8.59 3.79
C CYS A 211 -7.95 -8.97 4.43
N GLY A 212 -6.88 -8.96 3.65
CA GLY A 212 -5.56 -9.27 4.18
C GLY A 212 -5.14 -8.30 5.28
N GLY A 213 -5.41 -7.00 5.09
CA GLY A 213 -5.02 -6.02 6.09
C GLY A 213 -5.81 -6.17 7.38
N VAL A 214 -7.10 -6.43 7.27
CA VAL A 214 -7.89 -6.63 8.48
C VAL A 214 -7.49 -7.92 9.16
N ALA A 215 -7.28 -8.97 8.35
CA ALA A 215 -6.86 -10.27 8.89
C ALA A 215 -5.54 -10.12 9.65
N ALA A 216 -4.61 -9.35 9.10
CA ALA A 216 -3.33 -9.15 9.80
C ALA A 216 -3.53 -8.48 11.16
N ALA A 217 -4.38 -7.46 11.23
CA ALA A 217 -4.61 -6.82 12.52
C ALA A 217 -5.24 -7.78 13.51
N LEU A 218 -6.20 -8.58 13.05
CA LEU A 218 -6.90 -9.47 13.97
C LEU A 218 -5.96 -10.57 14.44
N ILE A 219 -5.18 -11.15 13.53
CA ILE A 219 -4.30 -12.22 13.92
C ILE A 219 -3.19 -11.71 14.84
N TYR A 220 -2.58 -10.57 14.52
CA TYR A 220 -1.55 -10.04 15.42
C TYR A 220 -2.12 -9.76 16.80
N ASP A 221 -3.24 -9.05 16.82
CA ASP A 221 -3.70 -8.36 18.01
C ASP A 221 -4.57 -9.23 18.86
N PHE A 222 -5.31 -10.13 18.21
CA PHE A 222 -6.21 -10.97 18.96
C PHE A 222 -5.63 -12.34 19.25
N LEU A 223 -4.75 -12.84 18.39
CA LEU A 223 -4.14 -14.13 18.68
C LEU A 223 -2.70 -13.98 19.14
N LEU A 224 -1.82 -13.45 18.30
CA LEU A 224 -0.40 -13.69 18.53
C LEU A 224 0.15 -12.85 19.68
N ALA A 225 -0.01 -11.52 19.61
CA ALA A 225 0.50 -10.61 20.64
C ALA A 225 -0.68 -9.83 21.21
N PRO A 226 -1.55 -10.50 21.98
CA PRO A 226 -2.78 -9.86 22.43
C PRO A 226 -2.52 -8.74 23.42
N LYS A 227 -3.49 -7.83 23.50
CA LYS A 227 -3.46 -6.71 24.46
C LYS A 227 -3.75 -7.19 25.89
#